data_8Q2P
#
_entry.id   8Q2P
#
_cell.length_a   156.610
_cell.length_b   48.790
_cell.length_c   75.970
_cell.angle_alpha   90.000
_cell.angle_beta   90.000
_cell.angle_gamma   90.000
#
_symmetry.space_group_name_H-M   'P 21 21 2'
#
loop_
_entity.id
_entity.type
_entity.pdbx_description
1 polymer 'Apolipoprotein N-acyltransferase'
2 non-polymer '[(2~{S})-2,3-bis(oxidanyl)propyl] 8-hexylselanyloctanoate'
3 non-polymer '(2R)-2,3-dihydroxypropyl (9Z)-octadec-9-enoate'
4 non-polymer GLYCEROL
5 non-polymer 1-METHOXY-2-[2-(2-METHOXY-ETHOXY]-ETHANE
6 water water
#
_entity_poly.entity_id   1
_entity_poly.type   'polypeptide(L)'
_entity_poly.pdbx_seq_one_letter_code
;MAFASLIERQRIRLLLALLFGACGTLAFSPYDVWPAAIISLMGLQALTFNRRPLQSAAIGFCWGFGLFGSGINWVYVSIA
TFGGMPGPVNIFLVVLLAAYLSLYTGLFAGVLSRLWPKTTWLRVAIAAPALWQVTEFLRGWVLTGFPWLQFGYSQIDGPL
KGLAPIMGVEAINFLLMMVSGLLALALVKRNWRPLVVAVVLFALPFPLRYIQWFTPQPEKTIQVSMVQGDIPQSLKWDEG
QLLNTLKIYYNATAPLMGKSSLIIWPESAITDLEINQQPFLKALDGELRDKGSSLVTGIVDARLNKQNRYDTYNTIITLG
KGAPYSYESADRYNKNHLVPFGEFVPLESILRPLAPFFDLPMSSFSRGPYIQPPLSANGIELTAAICYEIILGEQVRDNF
RPDTDYLLTISNDAWFGKSIGPWQHFQMARMRALELARPLLRSTNNGITAVIGPQGEIQAMIPQFTREVLTTNVTPTTGL
TPYARTGNWPLWVLTALFGFAAVLMSLRQR
;
_entity_poly.pdbx_strand_id   A
#
# COMPACT_ATOMS: atom_id res chain seq x y z
N MET A 1 -9.87 -27.45 -38.12
CA MET A 1 -10.44 -28.47 -37.26
C MET A 1 -9.82 -28.44 -35.86
N ALA A 2 -8.53 -28.75 -35.78
CA ALA A 2 -7.88 -28.89 -34.46
C ALA A 2 -7.91 -27.59 -33.69
N PHE A 3 -7.73 -26.45 -34.36
CA PHE A 3 -7.80 -25.16 -33.69
C PHE A 3 -9.19 -24.83 -33.16
N ALA A 4 -10.21 -25.59 -33.55
CA ALA A 4 -11.58 -25.32 -33.13
C ALA A 4 -12.11 -26.32 -32.10
N SER A 5 -11.28 -27.25 -31.63
CA SER A 5 -11.75 -28.19 -30.61
C SER A 5 -12.10 -27.44 -29.34
N LEU A 6 -12.90 -28.10 -28.48
CA LEU A 6 -13.30 -27.46 -27.23
C LEU A 6 -12.09 -27.16 -26.36
N ILE A 7 -11.13 -28.09 -26.29
CA ILE A 7 -9.96 -27.88 -25.44
C ILE A 7 -9.11 -26.73 -25.99
N GLU A 8 -9.02 -26.61 -27.31
CA GLU A 8 -8.30 -25.51 -27.94
C GLU A 8 -8.98 -24.17 -27.70
N ARG A 9 -10.31 -24.14 -27.76
CA ARG A 9 -11.01 -22.88 -27.50
C ARG A 9 -10.79 -22.43 -26.07
N GLN A 10 -10.73 -23.38 -25.13
CA GLN A 10 -10.45 -23.04 -23.75
C GLN A 10 -9.00 -22.58 -23.57
N ARG A 11 -8.07 -23.19 -24.28
CA ARG A 11 -6.67 -22.77 -24.18
C ARG A 11 -6.47 -21.38 -24.75
N ILE A 12 -7.24 -21.01 -25.77
CA ILE A 12 -7.18 -19.65 -26.30
C ILE A 12 -7.70 -18.65 -25.27
N ARG A 13 -8.75 -19.01 -24.53
CA ARG A 13 -9.21 -18.11 -23.46
C ARG A 13 -8.16 -17.96 -22.37
N LEU A 14 -7.41 -19.04 -22.08
CA LEU A 14 -6.37 -18.96 -21.07
C LEU A 14 -5.28 -17.98 -21.50
N LEU A 15 -4.91 -18.02 -22.79
CA LEU A 15 -3.91 -17.10 -23.32
C LEU A 15 -4.41 -15.67 -23.30
N LEU A 16 -5.65 -15.45 -23.76
CA LEU A 16 -6.26 -14.13 -23.69
C LEU A 16 -6.33 -13.63 -22.26
N ALA A 17 -6.67 -14.51 -21.32
CA ALA A 17 -6.78 -14.11 -19.92
C ALA A 17 -5.44 -13.66 -19.38
N LEU A 18 -4.38 -14.39 -19.70
CA LEU A 18 -3.03 -13.97 -19.33
C LEU A 18 -2.71 -12.58 -19.86
N LEU A 19 -3.09 -12.29 -21.11
CA LEU A 19 -2.76 -10.99 -21.70
C LEU A 19 -3.62 -9.87 -21.09
N PHE A 20 -4.92 -10.14 -20.88
CA PHE A 20 -5.76 -9.12 -20.25
C PHE A 20 -5.34 -8.85 -18.82
N GLY A 21 -4.89 -9.88 -18.11
CA GLY A 21 -4.35 -9.64 -16.77
C GLY A 21 -3.11 -8.77 -16.81
N ALA A 22 -2.18 -9.07 -17.72
CA ALA A 22 -0.96 -8.28 -17.80
C ALA A 22 -1.25 -6.85 -18.20
N CYS A 23 -2.28 -6.64 -19.03
CA CYS A 23 -2.73 -5.29 -19.36
C CYS A 23 -3.02 -4.48 -18.10
N GLY A 24 -3.55 -5.13 -17.06
CA GLY A 24 -3.90 -4.42 -15.85
C GLY A 24 -2.72 -3.73 -15.18
N THR A 25 -1.51 -4.29 -15.35
CA THR A 25 -0.34 -3.68 -14.73
C THR A 25 -0.11 -2.26 -15.24
N LEU A 26 -0.54 -1.99 -16.49
CA LEU A 26 -0.40 -0.67 -17.08
C LEU A 26 -1.24 0.39 -16.37
N ALA A 27 -2.23 -0.03 -15.59
CA ALA A 27 -3.06 0.94 -14.88
C ALA A 27 -2.32 1.61 -13.74
N PHE A 28 -1.29 0.97 -13.21
CA PHE A 28 -0.62 1.46 -12.02
C PHE A 28 0.62 2.26 -12.40
N SER A 29 1.07 3.08 -11.47
CA SER A 29 2.33 3.78 -11.66
CA SER A 29 2.34 3.78 -11.61
C SER A 29 3.45 2.77 -11.88
N PRO A 30 4.47 3.12 -12.69
CA PRO A 30 4.71 4.41 -13.35
C PRO A 30 3.97 4.58 -14.68
N TYR A 31 3.12 3.64 -15.08
CA TYR A 31 2.47 3.76 -16.39
C TYR A 31 1.23 4.65 -16.31
N ASP A 32 0.39 4.43 -15.30
CA ASP A 32 -0.73 5.32 -14.97
C ASP A 32 -1.74 5.42 -16.11
N VAL A 33 -1.93 4.34 -16.86
CA VAL A 33 -2.93 4.30 -17.92
C VAL A 33 -4.21 3.75 -17.28
N TRP A 34 -4.99 4.64 -16.66
CA TRP A 34 -6.13 4.14 -15.89
C TRP A 34 -7.18 3.41 -16.73
N PRO A 35 -7.38 3.67 -18.03
CA PRO A 35 -8.29 2.81 -18.81
C PRO A 35 -7.85 1.36 -18.88
N ALA A 36 -6.57 1.06 -18.64
CA ALA A 36 -6.11 -0.32 -18.70
C ALA A 36 -6.78 -1.17 -17.62
N ALA A 37 -7.11 -0.57 -16.47
CA ALA A 37 -7.84 -1.30 -15.44
C ALA A 37 -9.17 -1.81 -15.98
N ILE A 38 -9.90 -0.95 -16.68
CA ILE A 38 -11.22 -1.34 -17.19
C ILE A 38 -11.07 -2.40 -18.28
N ILE A 39 -10.11 -2.22 -19.19
CA ILE A 39 -9.86 -3.22 -20.22
C ILE A 39 -9.52 -4.56 -19.57
N SER A 40 -8.64 -4.54 -18.58
CA SER A 40 -8.23 -5.76 -17.90
C SER A 40 -9.43 -6.48 -17.29
N LEU A 41 -10.27 -5.74 -16.56
CA LEU A 41 -11.40 -6.35 -15.88
C LEU A 41 -12.48 -6.80 -16.87
N MET A 42 -12.65 -6.06 -17.97
CA MET A 42 -13.56 -6.51 -19.01
C MET A 42 -13.15 -7.88 -19.54
N GLY A 43 -11.85 -8.07 -19.75
CA GLY A 43 -11.36 -9.37 -20.21
C GLY A 43 -11.70 -10.47 -19.23
N LEU A 44 -11.46 -10.23 -17.94
CA LEU A 44 -11.79 -11.20 -16.92
C LEU A 44 -13.28 -11.53 -16.91
N GLN A 45 -14.13 -10.50 -16.95
CA GLN A 45 -15.57 -10.74 -16.92
C GLN A 45 -16.04 -11.45 -18.19
N ALA A 46 -15.52 -11.05 -19.35
CA ALA A 46 -16.01 -11.63 -20.61
C ALA A 46 -15.47 -13.04 -20.82
N LEU A 47 -14.18 -13.27 -20.54
CA LEU A 47 -13.60 -14.58 -20.81
C LEU A 47 -14.15 -15.67 -19.89
N THR A 48 -14.75 -15.30 -18.75
CA THR A 48 -15.34 -16.30 -17.88
C THR A 48 -16.81 -16.60 -18.20
N PHE A 49 -17.42 -15.84 -19.11
CA PHE A 49 -18.78 -16.13 -19.56
C PHE A 49 -18.85 -17.53 -20.17
N ASN A 50 -19.97 -18.22 -19.92
CA ASN A 50 -20.30 -19.45 -20.63
C ASN A 50 -19.19 -20.50 -20.48
N ARG A 51 -18.85 -20.79 -19.23
CA ARG A 51 -17.79 -21.72 -18.89
C ARG A 51 -18.29 -22.60 -17.76
N ARG A 52 -17.80 -23.82 -17.73
CA ARG A 52 -17.99 -24.62 -16.53
C ARG A 52 -17.16 -24.00 -15.41
N PRO A 53 -17.58 -24.15 -14.15
CA PRO A 53 -16.88 -23.43 -13.07
C PRO A 53 -15.38 -23.72 -12.99
N LEU A 54 -14.96 -24.97 -13.23
CA LEU A 54 -13.53 -25.25 -13.21
C LEU A 54 -12.80 -24.59 -14.38
N GLN A 55 -13.46 -24.50 -15.54
CA GLN A 55 -12.90 -23.75 -16.66
C GLN A 55 -12.76 -22.27 -16.31
N SER A 56 -13.78 -21.70 -15.68
CA SER A 56 -13.73 -20.29 -15.32
C SER A 56 -12.65 -20.04 -14.27
N ALA A 57 -12.53 -20.95 -13.30
CA ALA A 57 -11.47 -20.83 -12.30
C ALA A 57 -10.10 -20.83 -12.96
N ALA A 58 -9.89 -21.69 -13.97
CA ALA A 58 -8.61 -21.69 -14.65
C ALA A 58 -8.38 -20.38 -15.39
N ILE A 59 -9.44 -19.80 -15.96
CA ILE A 59 -9.33 -18.52 -16.65
C ILE A 59 -9.00 -17.41 -15.65
N GLY A 60 -9.67 -17.41 -14.50
CA GLY A 60 -9.37 -16.40 -13.49
C GLY A 60 -7.97 -16.53 -12.94
N PHE A 61 -7.50 -17.77 -12.77
CA PHE A 61 -6.12 -17.98 -12.35
C PHE A 61 -5.13 -17.40 -13.34
N CYS A 62 -5.30 -17.74 -14.63
CA CYS A 62 -4.38 -17.26 -15.66
C CYS A 62 -4.46 -15.74 -15.82
N TRP A 63 -5.64 -15.16 -15.64
CA TRP A 63 -5.75 -13.70 -15.62
C TRP A 63 -4.93 -13.12 -14.49
N GLY A 64 -5.08 -13.69 -13.29
CA GLY A 64 -4.25 -13.28 -12.17
C GLY A 64 -2.78 -13.50 -12.44
N PHE A 65 -2.43 -14.62 -13.09
CA PHE A 65 -1.03 -14.88 -13.35
C PHE A 65 -0.45 -13.84 -14.29
N GLY A 66 -1.25 -13.39 -15.27
CA GLY A 66 -0.81 -12.28 -16.09
C GLY A 66 -0.63 -11.00 -15.29
N LEU A 67 -1.61 -10.67 -14.45
CA LEU A 67 -1.54 -9.43 -13.67
C LEU A 67 -0.39 -9.47 -12.68
N PHE A 68 -0.34 -10.49 -11.82
CA PHE A 68 0.68 -10.55 -10.78
C PHE A 68 2.04 -10.90 -11.36
N GLY A 69 2.09 -11.78 -12.36
CA GLY A 69 3.37 -12.12 -12.96
C GLY A 69 4.03 -10.94 -13.64
N SER A 70 3.24 -10.05 -14.23
CA SER A 70 3.80 -8.84 -14.82
C SER A 70 3.87 -7.68 -13.83
N GLY A 71 3.07 -7.71 -12.78
CA GLY A 71 2.92 -6.55 -11.92
C GLY A 71 3.69 -6.58 -10.62
N ILE A 72 4.02 -7.76 -10.09
CA ILE A 72 4.82 -7.79 -8.87
C ILE A 72 6.10 -8.60 -9.06
N ASN A 73 6.50 -8.82 -10.31
CA ASN A 73 7.74 -9.57 -10.46
C ASN A 73 8.97 -8.73 -10.08
N TRP A 74 8.78 -7.45 -9.75
CA TRP A 74 9.87 -6.63 -9.24
C TRP A 74 10.41 -7.13 -7.91
N VAL A 75 9.70 -8.02 -7.21
CA VAL A 75 10.26 -8.64 -6.01
C VAL A 75 11.52 -9.43 -6.36
N TYR A 76 11.66 -9.85 -7.62
CA TYR A 76 12.87 -10.53 -8.05
C TYR A 76 14.12 -9.73 -7.73
N VAL A 77 14.05 -8.40 -7.89
CA VAL A 77 15.22 -7.54 -7.69
C VAL A 77 15.80 -7.74 -6.30
N SER A 78 14.94 -7.85 -5.30
CA SER A 78 15.44 -8.06 -3.95
C SER A 78 15.93 -9.49 -3.76
N ILE A 79 15.17 -10.46 -4.26
CA ILE A 79 15.56 -11.87 -4.13
C ILE A 79 16.93 -12.10 -4.74
N ALA A 80 17.15 -11.56 -5.95
CA ALA A 80 18.41 -11.82 -6.66
C ALA A 80 19.57 -11.07 -6.03
N THR A 81 19.32 -9.91 -5.41
CA THR A 81 20.41 -9.13 -4.84
C THR A 81 20.84 -9.65 -3.47
N PHE A 82 19.90 -10.13 -2.66
CA PHE A 82 20.20 -10.48 -1.28
C PHE A 82 19.92 -11.94 -0.91
N GLY A 83 19.23 -12.71 -1.75
CA GLY A 83 18.84 -14.05 -1.35
C GLY A 83 19.94 -15.09 -1.43
N GLY A 84 20.97 -14.86 -2.24
CA GLY A 84 22.03 -15.83 -2.39
C GLY A 84 21.66 -17.09 -3.13
N MET A 85 20.50 -17.14 -3.76
CA MET A 85 20.01 -18.35 -4.41
C MET A 85 20.31 -18.31 -5.90
N PRO A 86 20.34 -19.47 -6.57
CA PRO A 86 20.61 -19.48 -8.01
C PRO A 86 19.47 -18.82 -8.79
N GLY A 87 19.85 -18.34 -9.98
CA GLY A 87 18.94 -17.69 -10.89
C GLY A 87 17.61 -18.38 -11.12
N PRO A 88 17.63 -19.67 -11.49
CA PRO A 88 16.36 -20.37 -11.71
C PRO A 88 15.50 -20.50 -10.47
N VAL A 89 16.11 -20.62 -9.29
CA VAL A 89 15.34 -20.65 -8.05
C VAL A 89 14.71 -19.30 -7.78
N ASN A 90 15.44 -18.22 -8.06
CA ASN A 90 14.89 -16.87 -7.89
C ASN A 90 13.69 -16.66 -8.79
N ILE A 91 13.78 -17.10 -10.04
CA ILE A 91 12.64 -17.00 -10.95
C ILE A 91 11.48 -17.84 -10.43
N PHE A 92 11.78 -19.07 -10.00
CA PHE A 92 10.72 -19.97 -9.51
C PHE A 92 9.98 -19.37 -8.33
N LEU A 93 10.70 -18.75 -7.38
CA LEU A 93 10.05 -18.13 -6.23
C LEU A 93 9.10 -17.02 -6.67
N VAL A 94 9.50 -16.24 -7.68
CA VAL A 94 8.61 -15.21 -8.21
C VAL A 94 7.39 -15.83 -8.86
N VAL A 95 7.60 -16.89 -9.65
CA VAL A 95 6.47 -17.61 -10.25
C VAL A 95 5.55 -18.17 -9.18
N LEU A 96 6.14 -18.69 -8.10
CA LEU A 96 5.37 -19.20 -6.97
C LEU A 96 4.49 -18.11 -6.36
N LEU A 97 5.07 -16.94 -6.08
CA LEU A 97 4.29 -15.85 -5.51
C LEU A 97 3.14 -15.45 -6.43
N ALA A 98 3.42 -15.31 -7.73
CA ALA A 98 2.37 -14.92 -8.66
C ALA A 98 1.26 -15.96 -8.71
N ALA A 99 1.63 -17.24 -8.72
CA ALA A 99 0.62 -18.30 -8.73
C ALA A 99 -0.19 -18.31 -7.45
N TYR A 100 0.45 -18.06 -6.30
CA TYR A 100 -0.28 -18.00 -5.05
C TYR A 100 -1.34 -16.91 -5.09
N LEU A 101 -0.98 -15.71 -5.50
CA LEU A 101 -1.95 -14.62 -5.56
C LEU A 101 -3.05 -14.91 -6.59
N SER A 102 -2.72 -15.60 -7.68
CA SER A 102 -3.72 -15.94 -8.68
C SER A 102 -4.73 -16.97 -8.19
N LEU A 103 -4.46 -17.65 -7.08
CA LEU A 103 -5.50 -18.53 -6.51
C LEU A 103 -6.74 -17.72 -6.16
N TYR A 104 -6.56 -16.47 -5.71
CA TYR A 104 -7.72 -15.68 -5.31
C TYR A 104 -8.53 -15.21 -6.52
N THR A 105 -7.87 -14.93 -7.65
CA THR A 105 -8.66 -14.56 -8.83
C THR A 105 -9.28 -15.78 -9.49
N GLY A 106 -8.63 -16.95 -9.37
CA GLY A 106 -9.28 -18.19 -9.76
C GLY A 106 -10.46 -18.53 -8.87
N LEU A 107 -10.30 -18.35 -7.56
CA LEU A 107 -11.42 -18.50 -6.63
C LEU A 107 -12.60 -17.63 -7.04
N PHE A 108 -12.34 -16.35 -7.31
CA PHE A 108 -13.38 -15.43 -7.78
C PHE A 108 -14.12 -15.98 -9.00
N ALA A 109 -13.37 -16.35 -10.03
CA ALA A 109 -14.00 -16.75 -11.28
C ALA A 109 -14.72 -18.08 -11.16
N GLY A 110 -14.20 -19.01 -10.34
CA GLY A 110 -14.86 -20.28 -10.17
C GLY A 110 -16.19 -20.15 -9.45
N VAL A 111 -16.22 -19.36 -8.37
CA VAL A 111 -17.45 -19.17 -7.61
C VAL A 111 -18.46 -18.37 -8.42
N LEU A 112 -18.01 -17.32 -9.11
CA LEU A 112 -18.90 -16.54 -9.95
C LEU A 112 -19.59 -17.40 -10.99
N SER A 113 -18.83 -18.31 -11.61
CA SER A 113 -19.40 -19.18 -12.64
C SER A 113 -20.30 -20.23 -12.03
N ARG A 114 -19.95 -20.72 -10.85
CA ARG A 114 -20.75 -21.74 -10.17
C ARG A 114 -22.13 -21.19 -9.81
N LEU A 115 -22.17 -20.01 -9.18
CA LEU A 115 -23.45 -19.50 -8.67
C LEU A 115 -24.21 -18.64 -9.67
N TRP A 116 -23.53 -18.03 -10.64
CA TRP A 116 -24.18 -17.19 -11.64
C TRP A 116 -23.72 -17.60 -13.04
N PRO A 117 -24.13 -18.80 -13.50
CA PRO A 117 -23.62 -19.30 -14.79
C PRO A 117 -24.11 -18.53 -16.00
N LYS A 118 -25.30 -17.93 -15.95
CA LYS A 118 -25.82 -17.25 -17.12
C LYS A 118 -25.22 -15.85 -17.26
N THR A 119 -25.07 -15.42 -18.51
CA THR A 119 -24.51 -14.10 -18.86
C THR A 119 -25.59 -13.04 -18.68
N THR A 120 -25.62 -12.43 -17.49
CA THR A 120 -26.65 -11.47 -17.13
C THR A 120 -26.02 -10.26 -16.46
N TRP A 121 -26.79 -9.16 -16.41
CA TRP A 121 -26.33 -7.99 -15.66
C TRP A 121 -26.23 -8.29 -14.18
N LEU A 122 -27.04 -9.22 -13.67
CA LEU A 122 -26.93 -9.56 -12.24
C LEU A 122 -25.59 -10.21 -11.93
N ARG A 123 -25.14 -11.13 -12.80
CA ARG A 123 -23.80 -11.70 -12.64
C ARG A 123 -22.72 -10.63 -12.60
N VAL A 124 -22.69 -9.76 -13.61
CA VAL A 124 -21.53 -8.87 -13.78
C VAL A 124 -21.61 -7.62 -12.91
N ALA A 125 -22.81 -7.15 -12.57
CA ALA A 125 -22.95 -5.87 -11.89
C ALA A 125 -23.33 -6.00 -10.42
N ILE A 126 -23.98 -7.09 -10.01
CA ILE A 126 -24.36 -7.29 -8.61
C ILE A 126 -23.47 -8.34 -7.96
N ALA A 127 -23.44 -9.56 -8.51
CA ALA A 127 -22.67 -10.63 -7.91
C ALA A 127 -21.17 -10.35 -7.98
N ALA A 128 -20.67 -10.00 -9.17
CA ALA A 128 -19.23 -9.89 -9.37
C ALA A 128 -18.56 -8.87 -8.45
N PRO A 129 -19.06 -7.64 -8.29
CA PRO A 129 -18.34 -6.71 -7.39
C PRO A 129 -18.40 -7.14 -5.95
N ALA A 130 -19.52 -7.71 -5.50
CA ALA A 130 -19.60 -8.21 -4.13
C ALA A 130 -18.65 -9.37 -3.91
N LEU A 131 -18.61 -10.31 -4.86
CA LEU A 131 -17.71 -11.45 -4.73
C LEU A 131 -16.27 -11.02 -4.79
N TRP A 132 -15.94 -10.09 -5.70
CA TRP A 132 -14.59 -9.55 -5.82
C TRP A 132 -14.14 -8.88 -4.51
N GLN A 133 -15.04 -8.11 -3.89
CA GLN A 133 -14.75 -7.55 -2.57
C GLN A 133 -14.32 -8.63 -1.59
N VAL A 134 -15.00 -9.78 -1.63
CA VAL A 134 -14.71 -10.86 -0.69
C VAL A 134 -13.37 -11.53 -1.02
N THR A 135 -13.16 -11.89 -2.29
CA THR A 135 -11.93 -12.61 -2.63
C THR A 135 -10.70 -11.71 -2.49
N GLU A 136 -10.85 -10.41 -2.79
CA GLU A 136 -9.75 -9.49 -2.59
C GLU A 136 -9.49 -9.24 -1.12
N PHE A 137 -10.54 -9.25 -0.29
CA PHE A 137 -10.32 -9.25 1.16
C PHE A 137 -9.50 -10.46 1.61
N LEU A 138 -9.82 -11.65 1.08
CA LEU A 138 -9.07 -12.84 1.48
C LEU A 138 -7.62 -12.77 1.01
N ARG A 139 -7.38 -12.23 -0.18
CA ARG A 139 -6.00 -12.06 -0.62
C ARG A 139 -5.25 -11.11 0.30
N GLY A 140 -5.92 -10.10 0.83
CA GLY A 140 -5.31 -9.18 1.75
C GLY A 140 -5.29 -9.60 3.20
N TRP A 141 -5.82 -10.77 3.53
CA TRP A 141 -5.95 -11.22 4.92
C TRP A 141 -5.27 -12.55 5.20
N VAL A 142 -5.41 -13.53 4.31
CA VAL A 142 -4.84 -14.84 4.53
C VAL A 142 -3.31 -14.73 4.66
N LEU A 143 -2.77 -15.34 5.72
CA LEU A 143 -1.33 -15.39 5.96
C LEU A 143 -0.73 -13.99 6.12
N THR A 144 -1.53 -13.07 6.70
CA THR A 144 -1.30 -11.64 6.92
C THR A 144 -1.49 -10.83 5.64
N GLY A 145 -1.57 -11.45 4.48
CA GLY A 145 -2.13 -10.80 3.31
C GLY A 145 -1.09 -10.14 2.42
N PHE A 146 -1.52 -9.89 1.18
CA PHE A 146 -0.74 -9.10 0.23
C PHE A 146 -1.70 -8.42 -0.73
N PRO A 147 -2.30 -7.30 -0.30
CA PRO A 147 -3.33 -6.66 -1.14
C PRO A 147 -2.76 -5.73 -2.21
N TRP A 148 -1.72 -6.19 -2.90
CA TRP A 148 -1.04 -5.38 -3.90
C TRP A 148 -1.77 -5.46 -5.24
N LEU A 149 -1.75 -4.35 -5.98
CA LEU A 149 -2.44 -4.21 -7.26
C LEU A 149 -3.96 -4.30 -7.11
N GLN A 150 -4.55 -3.35 -6.40
CA GLN A 150 -5.98 -3.13 -6.43
C GLN A 150 -6.28 -1.96 -7.36
N PHE A 151 -7.17 -2.18 -8.33
CA PHE A 151 -7.31 -1.22 -9.42
C PHE A 151 -7.82 0.14 -8.95
N GLY A 152 -8.47 0.21 -7.80
CA GLY A 152 -8.91 1.50 -7.29
C GLY A 152 -7.78 2.49 -7.10
N TYR A 153 -6.57 2.00 -6.83
CA TYR A 153 -5.43 2.87 -6.70
C TYR A 153 -5.06 3.54 -8.03
N SER A 154 -5.44 2.95 -9.15
CA SER A 154 -5.17 3.54 -10.46
C SER A 154 -6.05 4.73 -10.75
N GLN A 155 -7.01 5.07 -9.89
CA GLN A 155 -7.88 6.23 -10.08
C GLN A 155 -7.45 7.41 -9.24
N ILE A 156 -6.23 7.38 -8.67
CA ILE A 156 -5.74 8.51 -7.88
C ILE A 156 -5.79 9.81 -8.69
N ASP A 157 -5.50 9.73 -9.98
CA ASP A 157 -5.58 10.89 -10.88
C ASP A 157 -6.67 10.71 -11.93
N GLY A 158 -7.72 9.96 -11.59
CA GLY A 158 -8.70 9.56 -12.58
C GLY A 158 -10.08 10.09 -12.26
N PRO A 159 -11.04 9.78 -13.13
CA PRO A 159 -12.41 10.30 -12.96
C PRO A 159 -13.10 9.86 -11.69
N LEU A 160 -12.71 8.74 -11.07
CA LEU A 160 -13.42 8.19 -9.93
C LEU A 160 -12.81 8.58 -8.59
N LYS A 161 -11.79 9.45 -8.58
CA LYS A 161 -11.05 9.68 -7.34
C LYS A 161 -11.93 10.24 -6.22
N GLY A 162 -12.99 10.96 -6.57
CA GLY A 162 -13.88 11.53 -5.55
C GLY A 162 -14.58 10.49 -4.70
N LEU A 163 -14.59 9.22 -5.11
CA LEU A 163 -15.21 8.17 -4.33
C LEU A 163 -14.39 7.80 -3.10
N ALA A 164 -13.07 7.98 -3.17
CA ALA A 164 -12.17 7.49 -2.12
C ALA A 164 -12.38 8.20 -0.78
N PRO A 165 -12.53 9.53 -0.72
CA PRO A 165 -12.82 10.17 0.58
C PRO A 165 -14.20 9.80 1.12
N ILE A 166 -15.09 9.27 0.30
CA ILE A 166 -16.43 8.91 0.76
C ILE A 166 -16.47 7.51 1.35
N MET A 167 -15.97 6.52 0.61
CA MET A 167 -16.08 5.13 1.03
C MET A 167 -14.75 4.37 0.92
N GLY A 168 -13.66 5.04 0.60
CA GLY A 168 -12.37 4.39 0.53
C GLY A 168 -12.09 3.79 -0.83
N VAL A 169 -10.82 3.40 -1.02
CA VAL A 169 -10.36 2.93 -2.32
C VAL A 169 -11.10 1.66 -2.73
N GLU A 170 -11.51 0.84 -1.76
CA GLU A 170 -12.18 -0.40 -2.13
C GLU A 170 -13.54 -0.14 -2.78
N ALA A 171 -14.14 1.02 -2.54
CA ALA A 171 -15.34 1.40 -3.28
C ALA A 171 -15.03 1.65 -4.75
N ILE A 172 -13.85 2.19 -5.05
CA ILE A 172 -13.44 2.31 -6.44
C ILE A 172 -13.20 0.93 -7.05
N ASN A 173 -12.54 0.03 -6.30
CA ASN A 173 -12.41 -1.37 -6.73
C ASN A 173 -13.77 -1.93 -7.12
N PHE A 174 -14.76 -1.71 -6.26
CA PHE A 174 -16.12 -2.21 -6.47
C PHE A 174 -16.72 -1.66 -7.75
N LEU A 175 -16.70 -0.33 -7.90
CA LEU A 175 -17.33 0.29 -9.07
C LEU A 175 -16.61 -0.09 -10.35
N LEU A 176 -15.28 -0.16 -10.32
CA LEU A 176 -14.55 -0.56 -11.52
C LEU A 176 -14.96 -1.96 -11.97
N MET A 177 -15.12 -2.89 -11.02
CA MET A 177 -15.51 -4.25 -11.41
C MET A 177 -16.92 -4.24 -11.98
N MET A 178 -17.80 -3.45 -11.38
CA MET A 178 -19.18 -3.35 -11.86
C MET A 178 -19.24 -2.73 -13.26
N VAL A 179 -18.54 -1.62 -13.47
CA VAL A 179 -18.56 -0.93 -14.75
C VAL A 179 -17.92 -1.79 -15.84
N SER A 180 -16.84 -2.50 -15.50
CA SER A 180 -16.19 -3.33 -16.51
C SER A 180 -17.04 -4.55 -16.86
N GLY A 181 -17.78 -5.09 -15.90
CA GLY A 181 -18.67 -6.20 -16.20
C GLY A 181 -19.79 -5.80 -17.15
N LEU A 182 -20.40 -4.63 -16.91
CA LEU A 182 -21.44 -4.15 -17.80
C LEU A 182 -20.91 -3.92 -19.21
N LEU A 183 -19.68 -3.40 -19.34
CA LEU A 183 -19.09 -3.24 -20.66
C LEU A 183 -18.84 -4.59 -21.32
N ALA A 184 -18.38 -5.58 -20.55
CA ALA A 184 -18.18 -6.92 -21.10
C ALA A 184 -19.52 -7.51 -21.56
N LEU A 185 -20.56 -7.34 -20.75
CA LEU A 185 -21.89 -7.84 -21.12
C LEU A 185 -22.41 -7.15 -22.37
N ALA A 186 -22.21 -5.83 -22.47
CA ALA A 186 -22.63 -5.12 -23.66
C ALA A 186 -21.91 -5.62 -24.90
N LEU A 187 -20.61 -5.86 -24.79
CA LEU A 187 -19.83 -6.36 -25.91
C LEU A 187 -20.31 -7.73 -26.35
N VAL A 188 -20.44 -8.66 -25.40
CA VAL A 188 -20.73 -10.05 -25.74
C VAL A 188 -22.17 -10.21 -26.18
N LYS A 189 -23.10 -9.51 -25.53
CA LYS A 189 -24.50 -9.53 -25.96
C LYS A 189 -24.77 -8.56 -27.10
N ARG A 190 -23.80 -7.74 -27.48
CA ARG A 190 -23.96 -6.73 -28.54
C ARG A 190 -25.22 -5.90 -28.30
N ASN A 191 -25.26 -5.31 -27.11
CA ASN A 191 -26.45 -4.64 -26.59
C ASN A 191 -26.04 -3.29 -26.02
N TRP A 192 -26.68 -2.23 -26.48
CA TRP A 192 -26.31 -0.88 -26.04
C TRP A 192 -26.77 -0.57 -24.63
N ARG A 193 -27.76 -1.30 -24.09
CA ARG A 193 -28.29 -0.96 -22.78
C ARG A 193 -27.26 -1.11 -21.65
N PRO A 194 -26.52 -2.22 -21.52
CA PRO A 194 -25.51 -2.27 -20.46
C PRO A 194 -24.39 -1.25 -20.64
N LEU A 195 -24.06 -0.87 -21.88
CA LEU A 195 -23.05 0.16 -22.10
C LEU A 195 -23.52 1.50 -21.55
N VAL A 196 -24.77 1.87 -21.81
CA VAL A 196 -25.28 3.14 -21.33
C VAL A 196 -25.30 3.17 -19.81
N VAL A 197 -25.69 2.07 -19.18
CA VAL A 197 -25.68 2.01 -17.72
C VAL A 197 -24.26 2.15 -17.20
N ALA A 198 -23.31 1.47 -17.86
CA ALA A 198 -21.91 1.51 -17.43
C ALA A 198 -21.36 2.92 -17.48
N VAL A 199 -21.57 3.63 -18.59
CA VAL A 199 -21.05 4.98 -18.71
C VAL A 199 -21.72 5.90 -17.70
N VAL A 200 -23.01 5.70 -17.45
CA VAL A 200 -23.72 6.51 -16.45
C VAL A 200 -23.16 6.25 -15.06
N LEU A 201 -23.01 4.97 -14.70
CA LEU A 201 -22.44 4.63 -13.40
C LEU A 201 -21.01 5.13 -13.27
N PHE A 202 -20.26 5.11 -14.37
CA PHE A 202 -18.88 5.57 -14.33
C PHE A 202 -18.80 7.09 -14.20
N ALA A 203 -19.73 7.80 -14.85
CA ALA A 203 -19.62 9.25 -14.93
C ALA A 203 -20.23 9.95 -13.72
N LEU A 204 -21.22 9.33 -13.07
CA LEU A 204 -21.85 9.94 -11.90
C LEU A 204 -20.87 10.37 -10.82
N PRO A 205 -19.83 9.62 -10.46
CA PRO A 205 -18.92 10.09 -9.40
C PRO A 205 -18.00 11.21 -9.81
N PHE A 206 -17.91 11.56 -11.10
CA PHE A 206 -16.93 12.56 -11.54
C PHE A 206 -16.98 13.86 -10.74
N PRO A 207 -18.11 14.53 -10.56
CA PRO A 207 -18.06 15.82 -9.84
C PRO A 207 -17.61 15.68 -8.39
N LEU A 208 -17.66 14.48 -7.80
CA LEU A 208 -17.19 14.30 -6.43
C LEU A 208 -15.72 14.65 -6.28
N ARG A 209 -14.93 14.61 -7.36
CA ARG A 209 -13.50 14.90 -7.23
C ARG A 209 -13.25 16.35 -6.83
N TYR A 210 -14.25 17.22 -6.96
CA TYR A 210 -14.10 18.63 -6.61
C TYR A 210 -14.48 18.93 -5.18
N ILE A 211 -14.91 17.95 -4.41
CA ILE A 211 -15.26 18.20 -3.01
C ILE A 211 -14.00 18.23 -2.18
N GLN A 212 -13.82 19.30 -1.42
CA GLN A 212 -12.79 19.37 -0.39
C GLN A 212 -13.48 19.11 0.94
N TRP A 213 -13.27 17.91 1.48
CA TRP A 213 -13.82 17.54 2.77
C TRP A 213 -13.05 18.14 3.93
N PHE A 214 -12.09 19.02 3.64
CA PHE A 214 -11.15 19.53 4.62
C PHE A 214 -11.13 21.04 4.52
N THR A 215 -10.58 21.67 5.55
CA THR A 215 -10.22 23.07 5.45
C THR A 215 -8.74 23.25 5.76
N PRO A 216 -8.02 24.04 4.98
CA PRO A 216 -6.61 24.28 5.27
C PRO A 216 -6.45 25.15 6.50
N GLN A 217 -5.28 25.06 7.12
CA GLN A 217 -4.93 25.81 8.33
C GLN A 217 -3.66 26.59 8.06
N PRO A 218 -3.73 27.67 7.28
CA PRO A 218 -2.50 28.41 6.93
C PRO A 218 -1.80 29.03 8.12
N GLU A 219 -2.49 29.23 9.24
CA GLU A 219 -1.84 29.72 10.45
C GLU A 219 -0.85 28.71 11.01
N LYS A 220 -0.87 27.48 10.53
CA LYS A 220 0.03 26.43 11.00
C LYS A 220 0.99 25.95 9.92
N THR A 221 1.04 26.62 8.77
CA THR A 221 2.01 26.28 7.74
C THR A 221 3.43 26.29 8.31
N ILE A 222 4.21 25.27 7.94
CA ILE A 222 5.59 25.15 8.42
C ILE A 222 6.48 24.77 7.25
N GLN A 223 7.77 24.98 7.43
CA GLN A 223 8.76 24.40 6.53
C GLN A 223 9.15 23.02 7.04
N VAL A 224 9.03 22.02 6.18
CA VAL A 224 9.38 20.65 6.52
C VAL A 224 10.55 20.24 5.63
N SER A 225 11.47 19.47 6.17
CA SER A 225 12.52 18.86 5.38
C SER A 225 12.53 17.35 5.57
N MET A 226 12.91 16.66 4.51
CA MET A 226 12.96 15.20 4.50
C MET A 226 14.30 14.84 3.87
N VAL A 227 15.16 14.20 4.65
CA VAL A 227 16.53 13.96 4.23
C VAL A 227 16.56 12.58 3.57
N GLN A 228 16.82 12.57 2.26
CA GLN A 228 16.96 11.34 1.49
C GLN A 228 18.45 11.00 1.46
N GLY A 229 18.88 10.19 2.43
CA GLY A 229 20.29 9.89 2.59
C GLY A 229 20.89 9.05 1.48
N ASP A 230 20.07 8.26 0.79
CA ASP A 230 20.54 7.38 -0.29
C ASP A 230 21.68 6.49 0.20
N ILE A 231 21.40 5.74 1.27
CA ILE A 231 22.36 4.84 1.89
C ILE A 231 22.26 3.49 1.20
N PRO A 232 23.34 2.97 0.62
CA PRO A 232 23.28 1.64 0.02
C PRO A 232 23.08 0.56 1.06
N GLN A 233 22.41 -0.52 0.65
CA GLN A 233 22.00 -1.57 1.58
C GLN A 233 23.20 -2.32 2.15
N SER A 234 23.24 -2.44 3.47
CA SER A 234 24.32 -3.08 4.19
C SER A 234 24.11 -4.58 4.30
N LEU A 235 25.21 -5.30 4.53
CA LEU A 235 25.20 -6.75 4.63
C LEU A 235 25.72 -7.27 5.96
N LYS A 236 26.84 -6.73 6.46
CA LYS A 236 27.40 -7.11 7.75
C LYS A 236 27.40 -5.89 8.67
N TRP A 237 27.62 -6.14 9.96
CA TRP A 237 27.67 -5.03 10.92
C TRP A 237 29.01 -4.31 10.82
N ASP A 238 28.94 -3.00 10.64
CA ASP A 238 30.14 -2.18 10.49
C ASP A 238 29.85 -0.83 11.12
N GLU A 239 30.49 -0.56 12.27
CA GLU A 239 30.32 0.73 12.92
C GLU A 239 30.83 1.87 12.03
N GLY A 240 31.77 1.58 11.13
CA GLY A 240 32.29 2.61 10.26
C GLY A 240 31.26 3.12 9.27
N GLN A 241 30.51 2.20 8.66
CA GLN A 241 29.42 2.64 7.78
C GLN A 241 28.27 3.25 8.57
N LEU A 242 28.04 2.76 9.79
CA LEU A 242 27.08 3.41 10.68
C LEU A 242 27.46 4.88 10.90
N LEU A 243 28.72 5.14 11.21
CA LEU A 243 29.15 6.50 11.49
C LEU A 243 29.08 7.38 10.25
N ASN A 244 29.44 6.83 9.09
CA ASN A 244 29.28 7.59 7.85
C ASN A 244 27.81 7.92 7.61
N THR A 245 26.91 7.00 7.97
CA THR A 245 25.48 7.26 7.80
C THR A 245 24.99 8.36 8.73
N LEU A 246 25.37 8.29 10.01
CA LEU A 246 25.05 9.37 10.93
C LEU A 246 25.63 10.70 10.45
N LYS A 247 26.84 10.65 9.90
CA LYS A 247 27.50 11.86 9.40
C LYS A 247 26.69 12.49 8.27
N ILE A 248 26.25 11.68 7.30
CA ILE A 248 25.44 12.18 6.19
C ILE A 248 24.18 12.84 6.70
N TYR A 249 23.45 12.16 7.58
CA TYR A 249 22.18 12.69 8.02
C TYR A 249 22.36 13.91 8.91
N TYR A 250 23.34 13.87 9.83
CA TYR A 250 23.56 15.03 10.69
C TYR A 250 23.97 16.25 9.87
N ASN A 251 24.96 16.08 8.99
CA ASN A 251 25.44 17.22 8.22
C ASN A 251 24.36 17.79 7.31
N ALA A 252 23.46 16.95 6.81
CA ALA A 252 22.34 17.47 6.01
C ALA A 252 21.34 18.20 6.89
N THR A 253 21.23 17.80 8.15
CA THR A 253 20.22 18.32 9.07
C THR A 253 20.66 19.62 9.76
N ALA A 254 21.94 19.74 10.08
CA ALA A 254 22.43 20.90 10.83
C ALA A 254 22.01 22.24 10.22
N PRO A 255 22.18 22.51 8.92
CA PRO A 255 21.78 23.82 8.40
C PRO A 255 20.26 24.02 8.33
N LEU A 256 19.47 22.96 8.52
CA LEU A 256 18.01 23.08 8.52
C LEU A 256 17.47 23.44 9.90
N MET A 257 18.27 23.22 10.94
CA MET A 257 17.89 23.53 12.31
C MET A 257 17.61 25.02 12.46
N GLY A 258 16.48 25.35 13.09
CA GLY A 258 16.06 26.73 13.19
C GLY A 258 15.38 27.29 11.96
N LYS A 259 15.31 26.51 10.87
CA LYS A 259 14.60 26.93 9.67
C LYS A 259 13.45 25.98 9.33
N SER A 260 13.68 24.67 9.34
CA SER A 260 12.59 23.72 9.22
C SER A 260 12.05 23.40 10.60
N SER A 261 10.73 23.55 10.77
CA SER A 261 10.13 23.15 12.04
C SER A 261 10.20 21.64 12.22
N LEU A 262 10.10 20.90 11.12
CA LEU A 262 10.06 19.45 11.13
C LEU A 262 11.08 18.91 10.16
N ILE A 263 11.93 18.00 10.62
CA ILE A 263 12.87 17.29 9.79
C ILE A 263 12.59 15.80 9.97
N ILE A 264 12.66 15.05 8.86
CA ILE A 264 12.32 13.63 8.84
CA ILE A 264 12.33 13.63 8.87
C ILE A 264 13.47 12.85 8.23
N TRP A 265 13.84 11.73 8.86
CA TRP A 265 14.77 10.77 8.30
C TRP A 265 14.02 9.46 8.08
N PRO A 266 14.36 8.70 7.04
CA PRO A 266 13.46 7.60 6.62
C PRO A 266 13.54 6.35 7.51
N GLU A 267 12.90 5.28 7.02
CA GLU A 267 12.87 4.02 7.74
C GLU A 267 14.26 3.52 8.07
N SER A 268 14.46 3.16 9.35
CA SER A 268 15.70 2.58 9.82
C SER A 268 16.90 3.45 9.43
N ALA A 269 16.68 4.77 9.35
CA ALA A 269 17.74 5.68 8.93
C ALA A 269 18.96 5.51 9.82
N ILE A 270 18.74 5.40 11.13
CA ILE A 270 19.79 5.05 12.07
C ILE A 270 19.83 3.53 12.16
N THR A 271 20.85 2.95 11.54
CA THR A 271 21.00 1.50 11.40
C THR A 271 21.71 0.87 12.59
N ASP A 272 21.46 1.39 13.78
CA ASP A 272 21.97 0.83 15.02
C ASP A 272 20.82 0.72 16.02
N LEU A 273 21.05 -0.03 17.08
CA LEU A 273 20.07 -0.11 18.15
C LEU A 273 19.95 1.23 18.87
N GLU A 274 18.72 1.61 19.21
CA GLU A 274 18.48 2.85 19.93
C GLU A 274 19.26 2.89 21.24
N ILE A 275 19.33 1.76 21.95
CA ILE A 275 20.06 1.73 23.22
C ILE A 275 21.54 2.04 23.02
N ASN A 276 22.09 1.74 21.83
CA ASN A 276 23.50 1.96 21.54
C ASN A 276 23.81 3.36 21.10
N GLN A 277 22.81 4.24 20.97
CA GLN A 277 23.04 5.59 20.42
C GLN A 277 22.50 6.67 21.35
N GLN A 278 22.49 6.42 22.65
CA GLN A 278 22.00 7.42 23.59
C GLN A 278 22.81 8.72 23.56
N PRO A 279 24.15 8.71 23.51
CA PRO A 279 24.86 10.00 23.46
C PRO A 279 24.55 10.80 22.20
N PHE A 280 24.52 10.15 21.04
CA PHE A 280 24.21 10.86 19.79
C PHE A 280 22.80 11.43 19.83
N LEU A 281 21.82 10.62 20.26
CA LEU A 281 20.44 11.08 20.27
C LEU A 281 20.24 12.24 21.24
N LYS A 282 20.84 12.16 22.42
CA LYS A 282 20.71 13.24 23.39
C LYS A 282 21.39 14.51 22.89
N ALA A 283 22.56 14.39 22.29
CA ALA A 283 23.23 15.57 21.75
C ALA A 283 22.43 16.17 20.58
N LEU A 284 21.90 15.31 19.70
CA LEU A 284 21.10 15.81 18.59
C LEU A 284 19.82 16.46 19.10
N ASP A 285 19.21 15.87 20.14
CA ASP A 285 17.99 16.43 20.71
C ASP A 285 18.20 17.85 21.22
N GLY A 286 19.31 18.09 21.93
CA GLY A 286 19.57 19.42 22.45
C GLY A 286 19.83 20.44 21.37
N GLU A 287 20.59 20.06 20.33
CA GLU A 287 20.82 20.96 19.20
C GLU A 287 19.51 21.35 18.54
N LEU A 288 18.63 20.37 18.30
CA LEU A 288 17.34 20.66 17.67
C LEU A 288 16.50 21.59 18.56
N ARG A 289 16.44 21.29 19.86
CA ARG A 289 15.64 22.10 20.76
C ARG A 289 16.19 23.51 20.90
N ASP A 290 17.52 23.64 21.00
CA ASP A 290 18.13 24.96 21.11
C ASP A 290 17.84 25.84 19.91
N LYS A 291 17.47 25.25 18.77
CA LYS A 291 17.12 26.02 17.58
C LYS A 291 15.64 25.97 17.24
N GLY A 292 14.82 25.28 18.04
CA GLY A 292 13.40 25.26 17.78
C GLY A 292 12.95 24.32 16.69
N SER A 293 13.74 23.29 16.39
CA SER A 293 13.39 22.32 15.37
C SER A 293 13.12 20.96 16.02
N SER A 294 12.44 20.09 15.28
CA SER A 294 12.18 18.73 15.72
CA SER A 294 12.18 18.74 15.73
C SER A 294 12.57 17.75 14.64
N LEU A 295 13.00 16.56 15.04
CA LEU A 295 13.38 15.50 14.14
C LEU A 295 12.57 14.26 14.43
N VAL A 296 12.13 13.62 13.35
CA VAL A 296 11.47 12.32 13.40
C VAL A 296 12.30 11.38 12.54
N THR A 297 12.66 10.21 13.08
CA THR A 297 13.58 9.36 12.35
C THR A 297 13.32 7.89 12.66
N GLY A 298 13.55 7.06 11.65
CA GLY A 298 13.53 5.64 11.86
C GLY A 298 14.76 5.15 12.59
N ILE A 299 14.62 4.03 13.27
CA ILE A 299 15.70 3.42 14.04
C ILE A 299 15.25 2.01 14.37
N VAL A 300 16.16 1.16 14.80
CA VAL A 300 15.82 -0.15 15.32
C VAL A 300 15.90 -0.07 16.84
N ASP A 301 14.86 -0.56 17.53
CA ASP A 301 14.84 -0.52 18.98
C ASP A 301 14.67 -1.95 19.50
N ALA A 302 15.78 -2.56 19.93
CA ALA A 302 15.73 -3.80 20.70
C ALA A 302 15.50 -3.42 22.15
N ARG A 303 14.28 -3.65 22.63
CA ARG A 303 13.86 -3.13 23.93
C ARG A 303 13.71 -4.29 24.91
N LEU A 304 14.46 -4.23 26.00
CA LEU A 304 14.40 -5.28 27.01
C LEU A 304 13.04 -5.24 27.70
N ASN A 305 12.32 -6.36 27.69
CA ASN A 305 11.01 -6.42 28.32
C ASN A 305 11.14 -6.99 29.74
N LYS A 306 10.01 -7.00 30.46
CA LYS A 306 9.98 -7.45 31.85
C LYS A 306 10.31 -8.93 32.00
N GLN A 307 10.28 -9.69 30.91
CA GLN A 307 10.72 -11.07 30.89
C GLN A 307 12.21 -11.17 30.57
N ASN A 308 12.91 -10.04 30.58
CA ASN A 308 14.35 -9.97 30.36
C ASN A 308 14.75 -10.58 29.02
N ARG A 309 13.86 -10.45 28.04
CA ARG A 309 14.16 -10.69 26.64
C ARG A 309 14.03 -9.38 25.87
N TYR A 310 14.53 -9.39 24.65
CA TYR A 310 14.51 -8.19 23.82
C TYR A 310 13.40 -8.33 22.78
N ASP A 311 12.46 -7.39 22.80
CA ASP A 311 11.55 -7.16 21.70
C ASP A 311 12.23 -6.19 20.74
N THR A 312 12.47 -6.63 19.51
CA THR A 312 13.13 -5.83 18.49
C THR A 312 12.08 -5.21 17.58
N TYR A 313 12.02 -3.88 17.57
CA TYR A 313 10.99 -3.15 16.84
C TYR A 313 11.61 -2.37 15.68
N ASN A 314 10.82 -2.24 14.62
CA ASN A 314 11.08 -1.28 13.55
C ASN A 314 10.35 0.00 13.94
N THR A 315 11.11 1.07 14.22
CA THR A 315 10.64 2.13 15.10
C THR A 315 10.83 3.52 14.49
N ILE A 316 9.93 4.42 14.87
CA ILE A 316 10.08 5.85 14.64
C ILE A 316 10.23 6.53 16.00
N ILE A 317 11.30 7.29 16.17
CA ILE A 317 11.49 8.09 17.37
C ILE A 317 11.41 9.57 17.02
N THR A 318 11.26 10.39 18.06
CA THR A 318 11.08 11.83 17.94
C THR A 318 12.10 12.53 18.83
N LEU A 319 12.51 13.72 18.39
CA LEU A 319 13.54 14.48 19.10
C LEU A 319 13.29 15.96 18.90
N GLY A 320 13.81 16.76 19.82
CA GLY A 320 13.81 18.19 19.65
C GLY A 320 12.62 18.91 20.24
N LYS A 321 12.27 20.06 19.66
CA LYS A 321 11.23 20.91 20.25
C LYS A 321 9.87 20.21 20.24
N GLY A 322 9.17 20.26 21.37
CA GLY A 322 7.89 19.59 21.49
C GLY A 322 7.97 18.08 21.45
N ALA A 323 9.17 17.51 21.53
CA ALA A 323 9.34 16.08 21.55
C ALA A 323 10.69 15.75 22.18
N PRO A 324 10.90 16.10 23.45
CA PRO A 324 12.20 15.84 24.08
C PRO A 324 12.54 14.36 24.03
N TYR A 325 13.72 14.06 23.48
CA TYR A 325 14.08 12.67 23.31
C TYR A 325 14.28 12.00 24.65
N SER A 326 13.73 10.79 24.76
CA SER A 326 14.01 9.92 25.90
C SER A 326 13.73 8.49 25.47
N TYR A 327 14.60 7.58 25.92
CA TYR A 327 14.35 6.17 25.67
C TYR A 327 13.03 5.70 26.26
N GLU A 328 12.53 6.39 27.30
CA GLU A 328 11.27 6.03 27.94
C GLU A 328 10.10 6.86 27.43
N SER A 329 10.31 7.68 26.40
CA SER A 329 9.21 8.47 25.89
C SER A 329 8.19 7.59 25.18
N ALA A 330 6.92 7.97 25.30
CA ALA A 330 5.85 7.33 24.55
C ALA A 330 5.66 7.95 23.18
N ASP A 331 6.45 8.99 22.86
CA ASP A 331 6.38 9.69 21.58
C ASP A 331 7.20 8.90 20.56
N ARG A 332 6.65 7.77 20.16
CA ARG A 332 7.35 6.82 19.31
C ARG A 332 6.32 5.92 18.65
N TYR A 333 6.72 5.27 17.56
CA TYR A 333 5.83 4.37 16.83
C TYR A 333 6.58 3.09 16.50
N ASN A 334 5.97 1.95 16.78
CA ASN A 334 6.55 0.64 16.53
C ASN A 334 5.75 -0.03 15.43
N LYS A 335 6.43 -0.43 14.35
CA LYS A 335 5.76 -1.03 13.22
C LYS A 335 4.90 -2.20 13.67
N ASN A 336 3.65 -2.22 13.22
CA ASN A 336 2.71 -3.27 13.58
C ASN A 336 2.64 -4.39 12.54
N HIS A 337 2.64 -4.05 11.25
CA HIS A 337 2.44 -5.05 10.21
C HIS A 337 3.76 -5.28 9.49
N LEU A 338 4.46 -6.33 9.91
CA LEU A 338 5.75 -6.67 9.32
C LEU A 338 5.56 -7.11 7.87
N VAL A 339 6.62 -6.93 7.07
CA VAL A 339 6.56 -7.26 5.65
C VAL A 339 6.77 -8.76 5.52
N PRO A 340 5.84 -9.48 4.89
CA PRO A 340 6.02 -10.93 4.72
C PRO A 340 7.23 -11.24 3.85
N PHE A 341 8.04 -12.18 4.34
CA PHE A 341 9.29 -12.64 3.72
C PHE A 341 10.41 -11.61 3.81
N GLY A 342 10.10 -10.42 4.33
CA GLY A 342 11.12 -9.43 4.57
C GLY A 342 11.49 -9.34 6.03
N GLU A 343 10.48 -9.20 6.88
CA GLU A 343 10.68 -9.08 8.32
C GLU A 343 10.25 -10.32 9.09
N PHE A 344 9.52 -11.23 8.46
CA PHE A 344 9.19 -12.53 9.03
C PHE A 344 8.81 -13.43 7.87
N VAL A 345 8.54 -14.69 8.17
CA VAL A 345 8.07 -15.65 7.17
C VAL A 345 6.74 -16.19 7.67
N PRO A 346 5.68 -16.12 6.87
CA PRO A 346 4.39 -16.69 7.31
C PRO A 346 4.56 -18.12 7.79
N LEU A 347 3.86 -18.44 8.89
CA LEU A 347 3.83 -19.76 9.51
C LEU A 347 5.15 -20.16 10.16
N GLU A 348 6.11 -19.24 10.31
CA GLU A 348 7.39 -19.61 10.90
C GLU A 348 7.25 -20.04 12.36
N SER A 349 6.24 -19.51 13.07
CA SER A 349 6.06 -19.89 14.48
C SER A 349 5.60 -21.33 14.62
N ILE A 350 4.78 -21.82 13.69
CA ILE A 350 4.36 -23.21 13.74
C ILE A 350 5.56 -24.14 13.57
N LEU A 351 6.57 -23.70 12.83
CA LEU A 351 7.69 -24.54 12.44
C LEU A 351 8.93 -24.36 13.32
N ARG A 352 8.96 -23.34 14.18
CA ARG A 352 10.19 -23.05 14.93
C ARG A 352 10.74 -24.22 15.75
N PRO A 353 9.94 -24.97 16.51
CA PRO A 353 10.54 -26.04 17.34
C PRO A 353 11.26 -27.11 16.53
N LEU A 354 10.99 -27.23 15.22
CA LEU A 354 11.69 -28.20 14.39
C LEU A 354 13.05 -27.69 13.91
N ALA A 355 13.29 -26.38 13.94
CA ALA A 355 14.45 -25.82 13.27
C ALA A 355 15.70 -25.93 14.15
N PRO A 356 16.85 -26.28 13.57
CA PRO A 356 18.10 -26.15 14.31
C PRO A 356 18.31 -24.70 14.74
N PHE A 357 18.78 -24.54 15.98
CA PHE A 357 18.92 -23.19 16.54
C PHE A 357 19.89 -22.34 15.73
N PHE A 358 21.01 -22.93 15.28
CA PHE A 358 21.97 -22.17 14.49
C PHE A 358 21.42 -21.72 13.13
N ASP A 359 20.35 -22.35 12.63
CA ASP A 359 19.76 -21.91 11.37
C ASP A 359 18.72 -20.81 11.52
N LEU A 360 18.18 -20.61 12.72
CA LEU A 360 17.21 -19.57 12.94
C LEU A 360 17.87 -18.19 12.83
N PRO A 361 17.16 -17.18 12.34
CA PRO A 361 17.73 -15.84 12.30
C PRO A 361 18.21 -15.40 13.67
N MET A 362 19.18 -14.50 13.69
CA MET A 362 19.75 -14.05 14.97
C MET A 362 18.63 -13.53 15.89
N SER A 363 17.76 -12.70 15.35
CA SER A 363 16.59 -12.22 16.08
C SER A 363 15.45 -12.03 15.10
N SER A 364 14.27 -11.76 15.64
CA SER A 364 13.10 -11.48 14.83
C SER A 364 12.41 -10.22 15.36
N PHE A 365 11.67 -9.58 14.46
CA PHE A 365 10.94 -8.37 14.80
C PHE A 365 9.68 -8.70 15.59
N SER A 366 9.43 -7.95 16.66
CA SER A 366 8.13 -7.96 17.29
C SER A 366 7.26 -6.87 16.65
N ARG A 367 5.97 -6.88 17.02
CA ARG A 367 5.00 -5.99 16.41
C ARG A 367 4.49 -4.98 17.42
N GLY A 368 4.41 -3.72 17.00
CA GLY A 368 3.71 -2.72 17.77
C GLY A 368 2.23 -3.00 17.76
N PRO A 369 1.48 -2.31 18.61
CA PRO A 369 0.03 -2.52 18.66
C PRO A 369 -0.64 -2.03 17.39
N TYR A 370 -1.84 -2.56 17.14
CA TYR A 370 -2.55 -2.24 15.90
C TYR A 370 -2.90 -0.75 15.85
N ILE A 371 -3.22 -0.14 16.98
CA ILE A 371 -3.49 1.29 17.05
C ILE A 371 -2.47 1.91 18.01
N GLN A 372 -1.81 2.95 17.53
CA GLN A 372 -0.87 3.71 18.33
C GLN A 372 -1.18 5.19 18.18
N PRO A 373 -0.95 5.97 19.22
CA PRO A 373 -1.28 7.41 19.16
C PRO A 373 -0.44 8.11 18.11
N PRO A 374 -0.89 9.25 17.62
CA PRO A 374 -0.05 10.04 16.70
C PRO A 374 1.27 10.40 17.36
N LEU A 375 2.30 10.57 16.54
CA LEU A 375 3.51 11.20 17.04
C LEU A 375 3.25 12.68 17.24
N SER A 376 3.98 13.27 18.18
CA SER A 376 3.90 14.71 18.44
C SER A 376 5.29 15.31 18.31
N ALA A 377 5.42 16.35 17.50
CA ALA A 377 6.69 17.05 17.37
C ALA A 377 6.39 18.49 17.01
N ASN A 378 7.01 19.42 17.74
CA ASN A 378 6.83 20.85 17.48
C ASN A 378 5.37 21.23 17.40
N GLY A 379 4.55 20.62 18.25
CA GLY A 379 3.13 20.87 18.28
C GLY A 379 2.34 20.25 17.15
N ILE A 380 2.94 19.33 16.40
CA ILE A 380 2.32 18.74 15.21
C ILE A 380 1.99 17.28 15.51
N GLU A 381 0.77 16.87 15.14
CA GLU A 381 0.32 15.50 15.31
C GLU A 381 0.48 14.75 14.00
N LEU A 382 1.21 13.64 14.03
CA LEU A 382 1.54 12.89 12.82
C LEU A 382 1.07 11.45 13.00
N THR A 383 0.17 11.00 12.13
CA THR A 383 -0.28 9.62 12.13
C THR A 383 0.71 8.82 11.29
N ALA A 384 1.42 7.91 11.92
CA ALA A 384 2.58 7.25 11.32
C ALA A 384 2.26 5.86 10.82
N ALA A 385 2.95 5.48 9.75
CA ALA A 385 2.89 4.13 9.19
C ALA A 385 4.22 3.88 8.53
N ILE A 386 4.83 2.73 8.82
CA ILE A 386 6.16 2.44 8.28
C ILE A 386 6.00 1.63 7.00
N CYS A 387 6.57 2.14 5.91
CA CYS A 387 6.77 1.38 4.69
C CYS A 387 5.46 0.76 4.19
N TYR A 388 5.46 -0.57 4.12
CA TYR A 388 4.30 -1.35 3.66
C TYR A 388 2.99 -0.96 4.34
N GLU A 389 3.05 -0.51 5.60
CA GLU A 389 1.82 -0.23 6.35
C GLU A 389 0.96 0.82 5.68
N ILE A 390 1.56 1.71 4.89
CA ILE A 390 0.80 2.78 4.25
C ILE A 390 -0.20 2.21 3.24
N ILE A 391 -0.01 0.99 2.74
CA ILE A 391 -0.99 0.43 1.81
C ILE A 391 -2.20 -0.15 2.51
N LEU A 392 -2.17 -0.23 3.84
CA LEU A 392 -3.26 -0.83 4.62
C LEU A 392 -4.23 0.26 5.01
N GLY A 393 -5.19 0.53 4.12
CA GLY A 393 -6.01 1.73 4.27
C GLY A 393 -6.83 1.74 5.53
N GLU A 394 -7.46 0.62 5.87
CA GLU A 394 -8.28 0.56 7.09
C GLU A 394 -7.42 0.77 8.33
N GLN A 395 -6.21 0.21 8.34
CA GLN A 395 -5.36 0.36 9.51
C GLN A 395 -4.91 1.82 9.67
N VAL A 396 -4.52 2.48 8.57
CA VAL A 396 -4.15 3.89 8.65
C VAL A 396 -5.33 4.73 9.11
N ARG A 397 -6.52 4.44 8.57
CA ARG A 397 -7.72 5.15 9.01
C ARG A 397 -8.04 4.89 10.48
N ASP A 398 -7.83 3.65 10.94
CA ASP A 398 -8.07 3.32 12.34
C ASP A 398 -7.07 4.00 13.27
N ASN A 399 -5.89 4.36 12.77
CA ASN A 399 -4.88 5.05 13.57
C ASN A 399 -5.03 6.56 13.50
N PHE A 400 -5.59 7.04 12.39
CA PHE A 400 -5.92 8.44 12.21
C PHE A 400 -6.80 8.94 13.35
N ARG A 401 -6.61 10.20 13.70
CA ARG A 401 -7.43 10.93 14.66
C ARG A 401 -7.90 12.22 14.03
N PRO A 402 -9.05 12.76 14.47
CA PRO A 402 -9.46 14.08 13.97
C PRO A 402 -8.39 15.15 14.14
N ASP A 403 -7.60 15.10 15.20
CA ASP A 403 -6.56 16.10 15.44
CA ASP A 403 -6.55 16.09 15.43
C ASP A 403 -5.24 15.76 14.74
N THR A 404 -5.22 14.71 13.92
CA THR A 404 -4.05 14.46 13.08
C THR A 404 -3.83 15.64 12.15
N ASP A 405 -2.58 16.12 12.08
CA ASP A 405 -2.25 17.22 11.18
C ASP A 405 -1.71 16.74 9.85
N TYR A 406 -0.84 15.72 9.88
CA TYR A 406 -0.28 15.13 8.67
C TYR A 406 -0.26 13.63 8.83
N LEU A 407 -0.38 12.92 7.71
CA LEU A 407 0.02 11.54 7.67
C LEU A 407 1.53 11.48 7.50
N LEU A 408 2.15 10.46 8.09
CA LEU A 408 3.59 10.29 7.97
C LEU A 408 3.89 8.85 7.60
N THR A 409 4.67 8.66 6.55
CA THR A 409 5.20 7.34 6.27
C THR A 409 6.68 7.47 5.93
N ILE A 410 7.49 6.60 6.50
CA ILE A 410 8.90 6.52 6.20
C ILE A 410 9.18 5.11 5.69
N SER A 411 10.09 5.01 4.72
CA SER A 411 10.21 3.74 4.03
C SER A 411 11.60 3.65 3.42
N ASN A 412 12.05 2.42 3.22
CA ASN A 412 13.30 2.15 2.53
C ASN A 412 12.92 1.22 1.38
N ASP A 413 12.81 1.77 0.18
CA ASP A 413 12.43 1.00 -1.00
C ASP A 413 13.63 0.62 -1.85
N ALA A 414 14.84 0.82 -1.33
CA ALA A 414 16.05 0.54 -2.09
C ALA A 414 16.19 -0.93 -2.47
N TRP A 415 15.53 -1.84 -1.75
CA TRP A 415 15.65 -3.27 -2.06
C TRP A 415 15.23 -3.58 -3.49
N PHE A 416 14.39 -2.74 -4.09
CA PHE A 416 13.79 -3.04 -5.38
C PHE A 416 14.32 -2.16 -6.50
N GLY A 417 15.43 -1.46 -6.26
CA GLY A 417 16.18 -0.80 -7.32
C GLY A 417 15.33 0.09 -8.20
N LYS A 418 15.52 -0.06 -9.51
CA LYS A 418 14.89 0.77 -10.52
C LYS A 418 13.57 0.19 -11.02
N SER A 419 12.95 -0.71 -10.28
CA SER A 419 11.77 -1.41 -10.77
C SER A 419 10.51 -0.55 -10.56
N ILE A 420 9.38 -1.06 -11.07
CA ILE A 420 8.10 -0.37 -10.92
C ILE A 420 7.54 -0.48 -9.51
N GLY A 421 8.13 -1.32 -8.65
CA GLY A 421 7.61 -1.58 -7.33
C GLY A 421 7.52 -0.33 -6.47
N PRO A 422 8.63 0.41 -6.33
CA PRO A 422 8.56 1.67 -5.57
C PRO A 422 7.50 2.64 -6.09
N TRP A 423 7.24 2.62 -7.40
CA TRP A 423 6.21 3.50 -7.96
C TRP A 423 4.82 3.03 -7.57
N GLN A 424 4.56 1.72 -7.65
CA GLN A 424 3.28 1.19 -7.19
C GLN A 424 3.06 1.49 -5.72
N HIS A 425 4.11 1.34 -4.91
CA HIS A 425 4.04 1.64 -3.48
C HIS A 425 3.68 3.09 -3.25
N PHE A 426 4.39 4.00 -3.92
CA PHE A 426 4.15 5.43 -3.80
C PHE A 426 2.73 5.78 -4.23
N GLN A 427 2.24 5.17 -5.32
CA GLN A 427 0.88 5.45 -5.77
C GLN A 427 -0.15 5.08 -4.70
N MET A 428 0.09 3.99 -3.98
CA MET A 428 -0.84 3.58 -2.93
C MET A 428 -0.77 4.54 -1.74
N ALA A 429 0.44 5.00 -1.41
CA ALA A 429 0.58 5.98 -0.33
C ALA A 429 -0.26 7.22 -0.59
N ARG A 430 -0.31 7.69 -1.85
CA ARG A 430 -1.07 8.89 -2.17
C ARG A 430 -2.55 8.73 -1.87
N MET A 431 -3.07 7.49 -2.01
CA MET A 431 -4.48 7.24 -1.77
C MET A 431 -4.86 7.55 -0.32
N ARG A 432 -3.93 7.31 0.62
CA ARG A 432 -4.22 7.57 2.03
C ARG A 432 -4.48 9.05 2.27
N ALA A 433 -3.64 9.90 1.68
CA ALA A 433 -3.83 11.35 1.80
C ALA A 433 -5.18 11.78 1.25
N LEU A 434 -5.58 11.23 0.10
CA LEU A 434 -6.88 11.53 -0.47
C LEU A 434 -8.02 11.00 0.41
N GLU A 435 -7.89 9.75 0.86
CA GLU A 435 -8.94 9.12 1.67
C GLU A 435 -9.23 9.90 2.95
N LEU A 436 -8.19 10.42 3.59
CA LEU A 436 -8.32 11.03 4.91
C LEU A 436 -8.20 12.54 4.87
N ALA A 437 -7.98 13.13 3.69
CA ALA A 437 -7.90 14.58 3.50
C ALA A 437 -6.88 15.21 4.44
N ARG A 438 -5.71 14.59 4.49
CA ARG A 438 -4.55 15.15 5.16
C ARG A 438 -3.37 15.08 4.21
N PRO A 439 -2.48 16.07 4.26
CA PRO A 439 -1.23 15.92 3.51
C PRO A 439 -0.43 14.75 4.07
N LEU A 440 0.32 14.09 3.20
CA LEU A 440 1.15 12.96 3.59
C LEU A 440 2.61 13.32 3.38
N LEU A 441 3.42 13.12 4.41
CA LEU A 441 4.85 13.34 4.34
C LEU A 441 5.50 11.96 4.17
N ARG A 442 6.09 11.72 3.00
CA ARG A 442 6.70 10.42 2.72
C ARG A 442 8.22 10.61 2.60
N SER A 443 8.94 10.12 3.59
CA SER A 443 10.40 10.20 3.64
C SER A 443 10.98 8.83 3.34
N THR A 444 11.86 8.75 2.34
CA THR A 444 12.45 7.47 1.96
C THR A 444 13.96 7.55 1.87
N ASN A 445 14.58 6.37 1.90
CA ASN A 445 16.02 6.24 1.79
C ASN A 445 16.54 6.74 0.44
N ASN A 446 15.97 6.22 -0.66
CA ASN A 446 16.42 6.63 -1.98
C ASN A 446 15.25 6.84 -2.95
N GLY A 447 14.07 7.16 -2.44
CA GLY A 447 12.91 7.35 -3.30
C GLY A 447 11.79 6.39 -2.93
N ILE A 448 10.55 6.80 -3.13
CA ILE A 448 10.16 8.12 -3.63
C ILE A 448 9.77 9.02 -2.47
N THR A 449 10.52 10.10 -2.30
CA THR A 449 10.32 11.06 -1.22
C THR A 449 9.48 12.22 -1.75
N ALA A 450 8.38 12.52 -1.05
CA ALA A 450 7.43 13.48 -1.59
C ALA A 450 6.52 14.01 -0.49
N VAL A 451 5.90 15.15 -0.76
CA VAL A 451 4.78 15.64 0.01
C VAL A 451 3.54 15.48 -0.85
N ILE A 452 2.55 14.76 -0.34
CA ILE A 452 1.28 14.57 -1.02
C ILE A 452 0.25 15.48 -0.37
N GLY A 453 -0.53 16.17 -1.18
CA GLY A 453 -1.55 17.06 -0.67
C GLY A 453 -2.80 16.32 -0.25
N PRO A 454 -3.73 17.04 0.38
CA PRO A 454 -4.91 16.41 0.96
C PRO A 454 -5.89 15.84 -0.06
N GLN A 455 -5.62 15.97 -1.35
CA GLN A 455 -6.43 15.30 -2.36
C GLN A 455 -5.61 14.32 -3.19
N GLY A 456 -4.49 13.85 -2.63
CA GLY A 456 -3.65 12.89 -3.31
C GLY A 456 -2.70 13.47 -4.33
N GLU A 457 -2.68 14.80 -4.51
CA GLU A 457 -1.83 15.41 -5.51
C GLU A 457 -0.39 15.50 -5.02
N ILE A 458 0.55 15.37 -5.95
CA ILE A 458 1.95 15.46 -5.61
C ILE A 458 2.29 16.95 -5.46
N GLN A 459 2.51 17.38 -4.22
N GLN A 459 2.51 17.39 -4.24
CA GLN A 459 2.83 18.79 -3.97
CA GLN A 459 2.84 18.80 -4.02
C GLN A 459 4.32 19.06 -4.16
C GLN A 459 4.33 19.08 -4.15
N ALA A 460 5.16 18.11 -3.78
CA ALA A 460 6.61 18.28 -3.87
C ALA A 460 7.23 16.89 -3.91
N MET A 461 8.39 16.79 -4.56
CA MET A 461 9.03 15.49 -4.75
C MET A 461 10.48 15.75 -5.14
N ILE A 462 11.34 14.81 -4.78
CA ILE A 462 12.72 14.82 -5.27
C ILE A 462 12.94 13.52 -6.03
N PRO A 463 13.92 13.48 -6.93
CA PRO A 463 14.15 12.27 -7.73
C PRO A 463 14.65 11.12 -6.87
N GLN A 464 14.36 9.91 -7.34
CA GLN A 464 14.95 8.72 -6.72
C GLN A 464 16.46 8.72 -6.94
N PHE A 465 17.14 7.91 -6.12
CA PHE A 465 18.56 7.57 -6.32
C PHE A 465 19.45 8.80 -6.23
N THR A 466 19.06 9.77 -5.41
CA THR A 466 19.88 10.95 -5.15
C THR A 466 20.00 11.17 -3.65
N ARG A 467 21.16 11.64 -3.23
CA ARG A 467 21.37 12.08 -1.85
C ARG A 467 20.99 13.56 -1.79
N GLU A 468 19.85 13.84 -1.19
CA GLU A 468 19.24 15.15 -1.33
C GLU A 468 18.26 15.37 -0.19
N VAL A 469 17.96 16.64 0.09
CA VAL A 469 16.94 17.02 1.05
C VAL A 469 15.78 17.62 0.29
N LEU A 470 14.57 17.16 0.59
CA LEU A 470 13.36 17.80 0.11
C LEU A 470 12.93 18.78 1.20
N THR A 471 12.88 20.05 0.86
CA THR A 471 12.46 21.09 1.79
C THR A 471 11.36 21.91 1.14
N THR A 472 10.23 22.02 1.83
CA THR A 472 9.11 22.77 1.27
C THR A 472 8.23 23.25 2.42
N ASN A 473 7.32 24.16 2.08
CA ASN A 473 6.27 24.57 3.00
C ASN A 473 5.11 23.61 2.87
N VAL A 474 4.51 23.24 3.99
CA VAL A 474 3.35 22.37 4.03
CA VAL A 474 3.34 22.38 4.02
C VAL A 474 2.33 22.98 4.98
N THR A 475 1.06 22.84 4.63
CA THR A 475 -0.04 23.39 5.41
C THR A 475 -0.91 22.24 5.91
N PRO A 476 -1.14 22.11 7.21
CA PRO A 476 -2.00 21.04 7.71
C PRO A 476 -3.46 21.32 7.34
N THR A 477 -4.27 20.28 7.44
CA THR A 477 -5.70 20.39 7.20
C THR A 477 -6.44 19.80 8.38
N THR A 478 -7.71 20.17 8.48
CA THR A 478 -8.61 19.63 9.48
C THR A 478 -9.92 19.30 8.78
N GLY A 479 -10.77 18.56 9.47
CA GLY A 479 -12.00 18.11 8.85
C GLY A 479 -11.98 16.60 8.63
N LEU A 480 -13.16 16.00 8.65
CA LEU A 480 -13.31 14.56 8.53
C LEU A 480 -13.95 14.23 7.20
N THR A 481 -13.28 13.41 6.39
CA THR A 481 -13.96 12.82 5.26
C THR A 481 -14.96 11.78 5.76
N PRO A 482 -15.99 11.48 4.96
CA PRO A 482 -16.90 10.40 5.37
C PRO A 482 -16.19 9.09 5.64
N TYR A 483 -15.17 8.76 4.84
CA TYR A 483 -14.43 7.52 5.06
C TYR A 483 -13.65 7.55 6.37
N ALA A 484 -13.05 8.70 6.71
CA ALA A 484 -12.41 8.81 8.01
C ALA A 484 -13.41 8.57 9.15
N ARG A 485 -14.65 9.05 8.99
CA ARG A 485 -15.67 8.87 10.01
CA ARG A 485 -15.65 8.85 10.04
C ARG A 485 -16.09 7.39 10.14
N THR A 486 -16.20 6.69 9.02
CA THR A 486 -16.77 5.35 9.05
C THR A 486 -15.78 4.20 8.93
N GLY A 487 -14.68 4.38 8.20
CA GLY A 487 -14.04 3.14 7.78
C GLY A 487 -14.88 2.51 6.67
N ASN A 488 -14.62 1.23 6.41
CA ASN A 488 -15.22 0.59 5.25
C ASN A 488 -16.45 -0.26 5.58
N TRP A 489 -17.06 -0.09 6.75
CA TRP A 489 -18.31 -0.81 7.01
C TRP A 489 -19.43 -0.43 6.05
N PRO A 490 -19.57 0.82 5.58
CA PRO A 490 -20.61 1.07 4.57
C PRO A 490 -20.39 0.29 3.28
N LEU A 491 -19.15 0.16 2.82
CA LEU A 491 -18.90 -0.66 1.63
C LEU A 491 -19.21 -2.12 1.90
N TRP A 492 -18.88 -2.61 3.10
CA TRP A 492 -19.23 -3.99 3.46
C TRP A 492 -20.74 -4.19 3.55
N VAL A 493 -21.48 -3.18 4.01
CA VAL A 493 -22.93 -3.30 4.04
C VAL A 493 -23.47 -3.40 2.61
N LEU A 494 -22.95 -2.56 1.71
CA LEU A 494 -23.36 -2.66 0.30
C LEU A 494 -22.96 -4.00 -0.29
N THR A 495 -21.76 -4.48 0.05
CA THR A 495 -21.33 -5.79 -0.41
C THR A 495 -22.27 -6.90 0.07
N ALA A 496 -22.69 -6.83 1.34
CA ALA A 496 -23.61 -7.82 1.86
C ALA A 496 -24.97 -7.74 1.16
N LEU A 497 -25.43 -6.52 0.89
CA LEU A 497 -26.73 -6.35 0.24
C LEU A 497 -26.71 -6.87 -1.19
N PHE A 498 -25.65 -6.55 -1.94
CA PHE A 498 -25.49 -7.13 -3.27
C PHE A 498 -25.33 -8.64 -3.20
N GLY A 499 -24.45 -9.10 -2.30
CA GLY A 499 -24.23 -10.53 -2.16
C GLY A 499 -25.48 -11.29 -1.72
N PHE A 500 -26.24 -10.70 -0.81
CA PHE A 500 -27.49 -11.33 -0.37
C PHE A 500 -28.49 -11.43 -1.52
N ALA A 501 -28.70 -10.32 -2.23
CA ALA A 501 -29.64 -10.31 -3.35
C ALA A 501 -29.18 -11.25 -4.46
N ALA A 502 -27.88 -11.26 -4.76
CA ALA A 502 -27.37 -12.09 -5.84
C ALA A 502 -27.48 -13.57 -5.49
N VAL A 503 -27.13 -13.94 -4.26
CA VAL A 503 -27.18 -15.35 -3.86
C VAL A 503 -28.64 -15.80 -3.75
N LEU A 504 -29.51 -14.93 -3.25
CA LEU A 504 -30.94 -15.26 -3.20
C LEU A 504 -31.47 -15.59 -4.58
N MET A 505 -31.21 -14.72 -5.56
CA MET A 505 -31.70 -14.95 -6.91
C MET A 505 -31.06 -16.19 -7.52
N SER A 506 -29.77 -16.41 -7.26
CA SER A 506 -29.10 -17.61 -7.74
C SER A 506 -29.75 -18.86 -7.19
N LEU A 507 -30.12 -18.85 -5.90
CA LEU A 507 -30.83 -19.98 -5.32
C LEU A 507 -32.25 -20.11 -5.88
N ARG A 508 -32.84 -19.00 -6.33
CA ARG A 508 -34.22 -19.04 -6.80
C ARG A 508 -34.41 -19.95 -8.01
N GLN A 509 -33.33 -20.30 -8.70
CA GLN A 509 -33.36 -21.35 -9.72
C GLN A 509 -33.10 -22.68 -9.00
N ARG A 510 -34.14 -23.20 -8.36
CA ARG A 510 -34.03 -24.43 -7.58
C ARG A 510 -35.06 -25.46 -8.04
#